data_4JE7
#
_entry.id   4JE7
#
_cell.length_a   51.840
_cell.length_b   74.320
_cell.length_c   109.770
_cell.angle_alpha   90.00
_cell.angle_beta   90.00
_cell.angle_gamma   90.00
#
_symmetry.space_group_name_H-M   'P 21 21 21'
#
loop_
_entity.id
_entity.type
_entity.pdbx_description
1 polymer 'Peptide deformylase 1A, chloroplastic/mitochondrial'
2 non-polymer ACTINONIN
3 non-polymer 'ZINC ION'
4 water water
#
_entity_poly.entity_id   1
_entity_poly.type   'polypeptide(L)'
_entity_poly.pdbx_seq_one_letter_code
;MDLPEIVASGDPVLHEKAREVDPGEIGSERIQKIIDDMIKVMRLAPCVGLAAPQIGVPLRIIVLEDTKEYISYAPKEEIL
AQERRHFDLMVMVNPVLKERSNKKALFFEGCESVDGFRAAVERYLEVVVTGYDRQGKRIEVNASGWQARILQHECDHLDG
NLYVDKMVPRTFRTVDNLDLPLAEGCPKLGSHHHHHH
;
_entity_poly.pdbx_strand_id   A,B
#
# COMPACT_ATOMS: atom_id res chain seq x y z
N ASP A 2 14.59 -7.97 -27.22
CA ASP A 2 13.30 -8.00 -26.47
C ASP A 2 13.38 -7.18 -25.19
N LEU A 3 12.48 -6.23 -25.02
CA LEU A 3 12.61 -5.40 -23.85
C LEU A 3 12.00 -6.05 -22.59
N PRO A 4 12.74 -6.05 -21.45
CA PRO A 4 12.13 -6.61 -20.21
C PRO A 4 10.79 -5.92 -19.85
N GLU A 5 9.84 -6.68 -19.31
CA GLU A 5 8.69 -6.03 -18.70
C GLU A 5 9.02 -5.70 -17.29
N ILE A 6 8.36 -4.66 -16.78
CA ILE A 6 8.47 -4.27 -15.36
C ILE A 6 7.85 -5.36 -14.52
N VAL A 7 8.48 -5.58 -13.38
CA VAL A 7 8.13 -6.61 -12.46
C VAL A 7 7.21 -5.90 -11.46
N ALA A 8 6.16 -6.57 -10.99
CA ALA A 8 5.23 -5.90 -10.10
C ALA A 8 5.37 -6.42 -8.71
N SER A 9 4.94 -5.60 -7.73
CA SER A 9 4.92 -5.98 -6.35
C SER A 9 4.40 -7.43 -6.11
N GLY A 10 5.12 -8.18 -5.31
CA GLY A 10 4.82 -9.59 -5.04
C GLY A 10 5.96 -10.49 -5.52
N ASP A 11 6.63 -10.09 -6.62
CA ASP A 11 7.78 -10.84 -7.15
C ASP A 11 8.95 -10.58 -6.21
N PRO A 12 9.51 -11.68 -5.61
CA PRO A 12 10.54 -11.68 -4.60
C PRO A 12 11.75 -10.83 -4.97
N VAL A 13 12.11 -10.78 -6.25
CA VAL A 13 13.28 -9.96 -6.61
C VAL A 13 13.12 -8.52 -6.13
N LEU A 14 11.90 -8.10 -5.87
CA LEU A 14 11.65 -6.68 -5.54
C LEU A 14 11.71 -6.45 -4.04
N HIS A 15 11.71 -7.56 -3.30
CA HIS A 15 11.50 -7.61 -1.83
C HIS A 15 12.72 -8.17 -1.09
N GLU A 16 13.86 -8.31 -1.82
CA GLU A 16 15.11 -8.98 -1.37
C GLU A 16 16.30 -8.13 -1.76
N LYS A 17 17.46 -8.27 -1.11
CA LYS A 17 18.53 -7.34 -1.32
C LYS A 17 19.32 -7.66 -2.57
N ALA A 18 19.48 -6.67 -3.46
CA ALA A 18 20.26 -6.83 -4.71
C ALA A 18 21.75 -6.91 -4.45
N ARG A 19 22.42 -7.72 -5.26
CA ARG A 19 23.85 -7.92 -5.18
C ARG A 19 24.69 -6.90 -5.95
N GLU A 20 25.88 -6.58 -5.42
CA GLU A 20 26.77 -5.67 -6.12
C GLU A 20 27.22 -6.18 -7.47
N VAL A 21 27.37 -5.24 -8.39
CA VAL A 21 28.12 -5.50 -9.62
C VAL A 21 29.62 -5.51 -9.28
N ASP A 22 30.35 -6.55 -9.74
CA ASP A 22 31.83 -6.53 -9.71
C ASP A 22 32.30 -5.29 -10.54
N PRO A 23 33.05 -4.37 -9.91
CA PRO A 23 33.40 -3.14 -10.62
C PRO A 23 34.15 -3.37 -11.96
N GLY A 24 34.97 -4.44 -12.00
CA GLY A 24 35.68 -4.88 -13.21
C GLY A 24 34.70 -5.32 -14.28
N GLU A 25 33.46 -5.65 -13.92
CA GLU A 25 32.50 -6.11 -14.95
C GLU A 25 31.64 -4.99 -15.59
N ILE A 26 31.70 -3.78 -15.03
CA ILE A 26 30.75 -2.72 -15.39
C ILE A 26 30.81 -2.37 -16.84
N GLY A 27 32.01 -2.27 -17.40
CA GLY A 27 32.16 -1.88 -18.79
C GLY A 27 31.86 -3.01 -19.74
N SER A 28 31.46 -4.20 -19.27
CA SER A 28 31.13 -5.32 -20.21
C SER A 28 29.82 -5.20 -20.93
N GLU A 29 29.66 -5.85 -22.09
CA GLU A 29 28.41 -5.78 -22.90
C GLU A 29 27.22 -6.20 -22.07
N ARG A 30 27.43 -7.20 -21.24
CA ARG A 30 26.37 -7.70 -20.39
C ARG A 30 25.74 -6.66 -19.46
N ILE A 31 26.59 -5.97 -18.71
CA ILE A 31 26.12 -4.93 -17.83
C ILE A 31 25.61 -3.71 -18.67
N GLN A 32 26.32 -3.31 -19.72
CA GLN A 32 25.84 -2.19 -20.56
C GLN A 32 24.45 -2.45 -21.15
N LYS A 33 24.14 -3.69 -21.54
CA LYS A 33 22.80 -4.03 -22.06
C LYS A 33 21.73 -3.89 -20.97
N ILE A 34 22.00 -4.42 -19.79
CA ILE A 34 21.11 -4.23 -18.67
C ILE A 34 20.82 -2.72 -18.44
N ILE A 35 21.86 -1.89 -18.48
CA ILE A 35 21.69 -0.44 -18.24
C ILE A 35 20.82 0.18 -19.33
N ASP A 36 21.12 -0.19 -20.58
CA ASP A 36 20.38 0.32 -21.75
C ASP A 36 18.92 -0.08 -21.69
N ASP A 37 18.65 -1.33 -21.32
CA ASP A 37 17.30 -1.82 -21.04
C ASP A 37 16.55 -1.05 -19.98
N MET A 38 17.25 -0.66 -18.90
CA MET A 38 16.67 0.15 -17.85
C MET A 38 16.25 1.54 -18.32
N ILE A 39 17.14 2.16 -19.09
CA ILE A 39 16.92 3.50 -19.58
C ILE A 39 15.71 3.45 -20.49
N LYS A 40 15.63 2.42 -21.33
CA LYS A 40 14.52 2.29 -22.30
C LYS A 40 13.17 2.00 -21.59
N VAL A 41 13.18 1.04 -20.66
CA VAL A 41 12.00 0.83 -19.85
C VAL A 41 11.56 2.10 -19.05
N MET A 42 12.52 2.83 -18.44
CA MET A 42 12.21 4.08 -17.71
C MET A 42 11.52 5.04 -18.60
N ARG A 43 12.15 5.35 -19.73
CA ARG A 43 11.57 6.25 -20.75
C ARG A 43 10.24 5.84 -21.35
N LEU A 44 9.99 4.56 -21.49
CA LEU A 44 8.77 4.09 -22.14
C LEU A 44 7.56 4.44 -21.26
N ALA A 45 7.80 4.39 -19.96
CA ALA A 45 6.78 4.40 -18.93
C ALA A 45 5.78 5.60 -18.94
N PRO A 46 6.24 6.87 -19.06
CA PRO A 46 7.56 7.39 -18.76
C PRO A 46 7.72 7.54 -17.22
N CYS A 47 8.92 7.34 -16.72
CA CYS A 47 9.13 7.65 -15.34
C CYS A 47 10.49 8.30 -15.10
N VAL A 48 10.74 8.73 -13.86
CA VAL A 48 11.95 9.49 -13.53
C VAL A 48 13.12 8.72 -12.93
N GLY A 49 12.96 7.41 -12.77
CA GLY A 49 14.06 6.59 -12.27
C GLY A 49 13.66 5.15 -12.33
N LEU A 50 14.64 4.24 -12.21
CA LEU A 50 14.40 2.78 -12.19
C LEU A 50 15.49 2.05 -11.46
N ALA A 51 15.13 0.96 -10.83
CA ALA A 51 16.14 0.07 -10.28
C ALA A 51 16.19 -1.30 -10.98
N ALA A 52 17.38 -1.91 -11.04
CA ALA A 52 17.50 -3.16 -11.81
C ALA A 52 16.52 -4.23 -11.38
N PRO A 53 16.24 -4.42 -10.05
CA PRO A 53 15.22 -5.45 -9.66
C PRO A 53 13.87 -5.31 -10.36
N GLN A 54 13.52 -4.05 -10.75
CA GLN A 54 12.31 -3.68 -11.54
C GLN A 54 12.21 -4.24 -12.96
N ILE A 55 13.34 -4.65 -13.53
CA ILE A 55 13.34 -5.42 -14.78
C ILE A 55 13.85 -6.83 -14.56
N GLY A 56 13.72 -7.30 -13.33
CA GLY A 56 14.06 -8.66 -12.94
C GLY A 56 15.55 -8.96 -12.81
N VAL A 57 16.38 -7.94 -12.56
CA VAL A 57 17.85 -8.13 -12.46
C VAL A 57 18.35 -7.91 -11.04
N PRO A 58 18.86 -8.97 -10.38
CA PRO A 58 19.23 -8.84 -8.96
C PRO A 58 20.54 -8.05 -8.70
N LEU A 59 20.74 -6.89 -9.33
CA LEU A 59 22.00 -6.16 -9.21
C LEU A 59 21.74 -4.76 -8.67
N ARG A 60 22.75 -4.19 -8.01
CA ARG A 60 22.73 -2.86 -7.47
C ARG A 60 23.06 -1.79 -8.55
N ILE A 61 22.06 -1.51 -9.40
CA ILE A 61 22.16 -0.51 -10.47
C ILE A 61 20.92 0.33 -10.41
N ILE A 62 21.08 1.64 -10.51
CA ILE A 62 19.95 2.55 -10.64
C ILE A 62 20.20 3.53 -11.81
N VAL A 63 19.12 3.97 -12.48
CA VAL A 63 19.11 5.05 -13.48
C VAL A 63 18.05 6.11 -13.11
N LEU A 64 18.19 7.36 -13.59
CA LEU A 64 17.26 8.45 -13.27
C LEU A 64 17.43 9.61 -14.22
N GLU A 65 16.33 10.33 -14.41
CA GLU A 65 16.22 11.35 -15.43
C GLU A 65 14.94 12.13 -15.20
N ASP A 66 15.04 13.44 -15.06
CA ASP A 66 13.88 14.33 -14.96
C ASP A 66 14.10 15.49 -15.90
N THR A 67 13.34 15.48 -16.98
CA THR A 67 13.59 16.32 -18.10
C THR A 67 12.74 17.62 -17.99
N LYS A 68 13.09 18.64 -18.74
CA LYS A 68 12.31 19.86 -18.71
C LYS A 68 10.92 19.57 -19.27
N GLU A 69 10.81 18.58 -20.13
CA GLU A 69 9.49 18.29 -20.70
C GLU A 69 8.57 17.60 -19.68
N TYR A 70 9.06 16.65 -18.90
CA TYR A 70 8.21 16.05 -17.89
C TYR A 70 7.67 17.15 -16.94
N ILE A 71 8.58 18.07 -16.59
CA ILE A 71 8.40 19.03 -15.50
C ILE A 71 7.38 20.07 -15.94
N SER A 72 7.34 20.28 -17.26
CA SER A 72 6.48 21.25 -17.87
C SER A 72 5.01 20.91 -17.73
N TYR A 73 4.67 19.79 -17.10
CA TYR A 73 3.23 19.41 -16.99
C TYR A 73 2.60 19.70 -15.63
N ALA A 74 3.45 19.66 -14.59
CA ALA A 74 3.08 19.87 -13.19
C ALA A 74 2.86 21.37 -12.92
N PRO A 75 2.00 21.72 -11.93
CA PRO A 75 1.72 23.15 -11.69
C PRO A 75 3.00 23.85 -11.21
N LYS A 76 3.19 25.13 -11.61
CA LYS A 76 4.35 25.92 -11.17
C LYS A 76 4.53 25.92 -9.64
N GLU A 77 3.41 26.03 -8.90
CA GLU A 77 3.45 26.04 -7.42
C GLU A 77 4.08 24.78 -6.82
N GLU A 78 3.71 23.61 -7.36
CA GLU A 78 4.17 22.31 -6.92
C GLU A 78 5.66 22.08 -7.20
N ILE A 79 6.11 22.54 -8.37
CA ILE A 79 7.52 22.48 -8.77
C ILE A 79 8.41 23.27 -7.79
N LEU A 80 7.98 24.48 -7.43
CA LEU A 80 8.61 25.27 -6.38
C LEU A 80 8.63 24.58 -5.02
N ALA A 81 7.48 24.18 -4.51
CA ALA A 81 7.46 23.51 -3.21
C ALA A 81 8.34 22.25 -3.17
N GLN A 82 8.29 21.46 -4.26
CA GLN A 82 9.02 20.18 -4.40
C GLN A 82 10.49 20.37 -4.74
N GLU A 83 10.89 21.61 -5.00
CA GLU A 83 12.28 21.91 -5.43
C GLU A 83 12.69 20.90 -6.49
N ARG A 84 11.85 20.82 -7.51
CA ARG A 84 11.95 19.83 -8.57
C ARG A 84 12.67 20.51 -9.75
N ARG A 85 13.93 20.15 -9.98
CA ARG A 85 14.70 20.79 -11.06
C ARG A 85 15.15 19.75 -12.12
N HIS A 86 15.25 20.14 -13.38
CA HIS A 86 15.64 19.16 -14.37
C HIS A 86 17.10 18.68 -14.20
N PHE A 87 17.37 17.47 -14.66
CA PHE A 87 18.75 16.93 -14.59
C PHE A 87 18.92 15.88 -15.67
N ASP A 88 20.09 15.89 -16.29
CA ASP A 88 20.47 14.90 -17.30
C ASP A 88 20.45 13.48 -16.76
N LEU A 89 20.20 12.55 -17.69
CA LEU A 89 20.31 11.09 -17.45
C LEU A 89 21.57 10.75 -16.62
N MET A 90 21.39 9.87 -15.61
CA MET A 90 22.39 9.54 -14.63
C MET A 90 22.22 8.03 -14.40
N VAL A 91 23.34 7.32 -14.34
CA VAL A 91 23.41 5.87 -14.08
C VAL A 91 24.37 5.74 -12.94
N MET A 92 23.98 5.00 -11.89
CA MET A 92 24.90 4.66 -10.79
C MET A 92 24.91 3.15 -10.49
N VAL A 93 26.10 2.58 -10.46
CA VAL A 93 26.34 1.15 -10.14
C VAL A 93 26.87 1.12 -8.72
N ASN A 94 26.33 0.23 -7.87
CA ASN A 94 26.69 0.08 -6.47
C ASN A 94 26.55 1.40 -5.67
N PRO A 95 25.40 2.08 -5.82
CA PRO A 95 25.26 3.38 -5.16
C PRO A 95 25.23 3.24 -3.59
N VAL A 96 25.88 4.16 -2.88
CA VAL A 96 25.83 4.19 -1.42
C VAL A 96 25.39 5.59 -1.01
N LEU A 97 24.20 5.69 -0.42
CA LEU A 97 23.47 6.91 -0.06
C LEU A 97 23.50 7.26 1.43
N LYS A 98 23.73 8.52 1.66
CA LYS A 98 23.79 9.04 2.98
C LYS A 98 23.17 10.42 2.93
N GLU A 99 22.40 10.77 3.96
CA GLU A 99 21.85 12.11 4.10
C GLU A 99 22.93 13.15 4.45
N ARG A 100 22.69 14.43 4.18
CA ARG A 100 23.68 15.46 4.45
C ARG A 100 23.20 16.35 5.57
N SER A 101 21.91 16.24 5.87
CA SER A 101 21.35 16.86 7.05
C SER A 101 20.10 16.15 7.52
N ASN A 102 19.57 16.72 8.61
CA ASN A 102 18.31 16.29 9.23
C ASN A 102 17.03 16.89 8.60
N LYS A 103 17.18 17.59 7.50
CA LYS A 103 16.06 18.23 6.90
C LYS A 103 15.30 17.19 6.05
N LYS A 104 13.99 17.09 6.26
CA LYS A 104 13.12 16.18 5.51
C LYS A 104 12.03 16.97 4.82
N ALA A 105 11.33 16.31 3.89
CA ALA A 105 10.14 16.83 3.21
C ALA A 105 9.09 15.71 2.92
N LEU A 106 7.81 16.10 2.87
CA LEU A 106 6.70 15.16 2.72
C LEU A 106 5.92 15.50 1.45
N PHE A 107 5.95 14.60 0.45
CA PHE A 107 5.17 14.72 -0.77
C PHE A 107 4.73 13.36 -1.21
N PHE A 108 3.84 13.34 -2.20
CA PHE A 108 3.34 12.10 -2.82
C PHE A 108 4.28 11.47 -3.81
N GLU A 109 4.34 10.13 -3.76
CA GLU A 109 5.13 9.28 -4.69
C GLU A 109 4.29 8.18 -5.31
N GLY A 110 4.60 7.81 -6.53
CA GLY A 110 4.19 6.51 -7.03
C GLY A 110 5.38 5.64 -7.46
N CYS A 111 5.12 4.34 -7.59
CA CYS A 111 6.11 3.37 -7.99
C CYS A 111 5.58 2.60 -9.21
N GLU A 112 6.42 2.44 -10.23
CA GLU A 112 6.06 1.60 -11.36
C GLU A 112 5.71 0.16 -10.98
N SER A 113 6.17 -0.27 -9.82
CA SER A 113 5.92 -1.63 -9.34
C SER A 113 4.59 -1.79 -8.55
N VAL A 114 3.97 -0.65 -8.26
CA VAL A 114 2.64 -0.58 -7.61
C VAL A 114 1.71 0.32 -8.47
N ASP A 115 1.12 -0.29 -9.51
CA ASP A 115 0.34 0.51 -10.46
C ASP A 115 -0.98 1.04 -9.85
N GLY A 116 -1.26 2.33 -9.97
CA GLY A 116 -2.62 2.86 -9.73
C GLY A 116 -2.77 3.63 -8.42
N PHE A 117 -1.70 3.62 -7.61
CA PHE A 117 -1.69 4.21 -6.25
C PHE A 117 -0.57 5.21 -5.99
N ARG A 118 -0.77 6.05 -4.96
CA ARG A 118 0.21 7.01 -4.52
C ARG A 118 0.18 7.07 -2.96
N ALA A 119 1.23 7.55 -2.33
CA ALA A 119 1.14 7.89 -0.91
C ALA A 119 2.19 8.91 -0.50
N ALA A 120 1.97 9.55 0.66
CA ALA A 120 2.87 10.58 1.17
C ALA A 120 4.07 9.89 1.80
N VAL A 121 5.25 10.26 1.33
CA VAL A 121 6.44 9.64 1.86
C VAL A 121 7.45 10.67 2.37
N GLU A 122 7.93 10.50 3.59
CA GLU A 122 8.95 11.39 4.17
C GLU A 122 10.36 11.02 3.66
N ARG A 123 11.11 12.00 3.15
CA ARG A 123 12.42 11.79 2.51
C ARG A 123 13.39 12.79 3.13
N TYR A 124 14.70 12.56 3.05
CA TYR A 124 15.69 13.64 3.31
C TYR A 124 15.70 14.73 2.19
N LEU A 125 15.77 16.01 2.50
CA LEU A 125 15.99 17.02 1.43
C LEU A 125 17.36 16.92 0.75
N GLU A 126 18.42 16.62 1.51
CA GLU A 126 19.83 16.70 1.04
C GLU A 126 20.53 15.36 1.24
N VAL A 127 21.09 14.82 0.18
CA VAL A 127 21.83 13.53 0.21
C VAL A 127 23.14 13.55 -0.61
N VAL A 128 24.04 12.61 -0.32
CA VAL A 128 25.23 12.37 -1.14
C VAL A 128 25.24 10.87 -1.45
N VAL A 129 25.48 10.55 -2.73
CA VAL A 129 25.51 9.18 -3.21
C VAL A 129 26.86 8.88 -3.84
N THR A 130 27.54 7.84 -3.36
CA THR A 130 28.83 7.47 -3.92
C THR A 130 28.60 6.19 -4.71
N GLY A 131 29.29 6.07 -5.85
CA GLY A 131 29.27 4.82 -6.60
C GLY A 131 30.15 4.81 -7.83
N TYR A 132 29.65 4.18 -8.89
CA TYR A 132 30.37 4.13 -10.15
C TYR A 132 29.41 4.59 -11.22
N ASP A 133 29.94 5.27 -12.24
CA ASP A 133 29.13 5.60 -13.41
C ASP A 133 29.12 4.42 -14.40
N ARG A 134 28.48 4.58 -15.54
CA ARG A 134 28.36 3.43 -16.45
C ARG A 134 29.66 2.96 -17.12
N GLN A 135 30.68 3.81 -17.13
CA GLN A 135 32.04 3.42 -17.57
C GLN A 135 32.87 2.82 -16.46
N GLY A 136 32.24 2.48 -15.35
CA GLY A 136 32.98 2.05 -14.17
C GLY A 136 33.95 3.04 -13.55
N LYS A 137 33.72 4.35 -13.73
CA LYS A 137 34.48 5.39 -13.03
C LYS A 137 33.88 5.74 -11.63
N ARG A 138 34.71 5.97 -10.65
CA ARG A 138 34.23 6.29 -9.32
C ARG A 138 33.69 7.72 -9.23
N ILE A 139 32.44 7.83 -8.77
CA ILE A 139 31.76 9.14 -8.67
C ILE A 139 31.13 9.46 -7.29
N GLU A 140 30.80 10.71 -7.07
CA GLU A 140 29.99 11.14 -5.92
C GLU A 140 28.95 12.08 -6.48
N VAL A 141 27.68 11.92 -6.12
CA VAL A 141 26.68 12.92 -6.52
C VAL A 141 26.10 13.55 -5.26
N ASN A 142 26.12 14.89 -5.17
CA ASN A 142 25.37 15.58 -4.10
C ASN A 142 24.00 16.07 -4.67
N ALA A 143 22.91 15.68 -4.05
CA ALA A 143 21.59 16.04 -4.55
C ALA A 143 20.72 16.64 -3.45
N SER A 144 19.74 17.43 -3.86
CA SER A 144 18.77 17.98 -2.91
C SER A 144 17.37 17.99 -3.58
N GLY A 145 16.32 18.21 -2.79
CA GLY A 145 15.00 18.41 -3.40
C GLY A 145 14.52 17.10 -4.06
N TRP A 146 13.91 17.23 -5.25
CA TRP A 146 13.21 16.12 -5.85
C TRP A 146 14.20 15.11 -6.31
N GLN A 147 15.31 15.57 -6.90
CA GLN A 147 16.40 14.64 -7.31
C GLN A 147 16.88 13.73 -6.12
N ALA A 148 17.08 14.30 -4.93
CA ALA A 148 17.43 13.56 -3.70
C ALA A 148 16.36 12.55 -3.36
N ARG A 149 15.12 12.91 -3.70
CA ARG A 149 13.97 12.04 -3.46
C ARG A 149 14.02 10.85 -4.37
N ILE A 150 14.18 11.07 -5.67
CA ILE A 150 14.29 9.96 -6.66
C ILE A 150 15.43 9.03 -6.30
N LEU A 151 16.58 9.59 -5.91
CA LEU A 151 17.73 8.78 -5.50
C LEU A 151 17.38 7.88 -4.32
N GLN A 152 16.73 8.45 -3.30
CA GLN A 152 16.26 7.59 -2.17
C GLN A 152 15.26 6.48 -2.53
N HIS A 153 14.26 6.77 -3.34
CA HIS A 153 13.31 5.76 -3.79
C HIS A 153 14.02 4.60 -4.56
N GLU A 154 14.92 4.95 -5.48
CA GLU A 154 15.65 3.96 -6.27
C GLU A 154 16.61 3.12 -5.43
N CYS A 155 17.41 3.77 -4.59
CA CYS A 155 18.31 3.04 -3.64
C CYS A 155 17.54 2.12 -2.72
N ASP A 156 16.40 2.54 -2.19
CA ASP A 156 15.54 1.66 -1.42
C ASP A 156 15.18 0.40 -2.17
N HIS A 157 14.85 0.52 -3.45
CA HIS A 157 14.51 -0.68 -4.21
C HIS A 157 15.62 -1.73 -4.13
N LEU A 158 16.87 -1.27 -4.02
CA LEU A 158 18.03 -2.17 -4.06
C LEU A 158 18.15 -3.01 -2.83
N ASP A 159 17.57 -2.55 -1.69
CA ASP A 159 17.62 -3.26 -0.40
C ASP A 159 16.29 -3.99 -0.12
N GLY A 160 15.45 -4.07 -1.15
CA GLY A 160 14.23 -4.82 -1.04
C GLY A 160 13.09 -4.05 -0.41
N ASN A 161 13.16 -2.72 -0.46
CA ASN A 161 12.23 -1.80 0.18
C ASN A 161 11.34 -0.99 -0.78
N LEU A 162 10.00 -1.13 -0.67
CA LEU A 162 9.07 -0.31 -1.39
C LEU A 162 8.44 0.80 -0.50
N TYR A 163 7.95 1.88 -1.14
CA TYR A 163 7.46 3.07 -0.41
C TYR A 163 6.28 2.69 0.52
N VAL A 164 5.50 1.68 0.12
CA VAL A 164 4.25 1.30 0.83
C VAL A 164 4.58 0.89 2.25
N ASP A 165 5.81 0.49 2.47
CA ASP A 165 6.19 0.08 3.79
C ASP A 165 6.88 1.18 4.61
N LYS A 166 6.82 2.43 4.11
CA LYS A 166 7.40 3.54 4.80
C LYS A 166 6.66 4.83 4.46
N MET A 167 5.32 4.74 4.32
CA MET A 167 4.44 5.87 3.94
C MET A 167 3.71 6.37 5.16
N VAL A 168 3.26 7.62 5.09
CA VAL A 168 2.55 8.25 6.19
C VAL A 168 1.21 7.57 6.30
N PRO A 169 0.82 7.12 7.54
CA PRO A 169 -0.45 6.40 7.66
C PRO A 169 -1.63 7.25 7.21
N ARG A 170 -2.63 6.62 6.56
CA ARG A 170 -3.88 7.28 6.16
C ARG A 170 -3.76 8.14 4.94
N THR A 171 -2.68 7.97 4.15
CA THR A 171 -2.48 8.79 2.92
C THR A 171 -2.50 7.95 1.62
N PHE A 172 -2.46 6.62 1.74
CA PHE A 172 -2.44 5.78 0.54
C PHE A 172 -3.70 6.10 -0.28
N ARG A 173 -3.58 6.29 -1.58
CA ARG A 173 -4.77 6.67 -2.36
C ARG A 173 -4.66 6.19 -3.78
N THR A 174 -5.78 6.14 -4.51
CA THR A 174 -5.77 5.84 -5.96
C THR A 174 -5.26 7.09 -6.68
N VAL A 175 -4.69 6.93 -7.87
CA VAL A 175 -4.28 8.12 -8.65
C VAL A 175 -5.43 9.10 -8.86
N ASP A 176 -6.62 8.58 -9.15
CA ASP A 176 -7.81 9.37 -9.35
C ASP A 176 -8.22 10.11 -8.10
N ASN A 177 -7.92 9.56 -6.93
CA ASN A 177 -8.21 10.30 -5.69
C ASN A 177 -7.03 11.19 -5.20
N LEU A 178 -6.01 11.35 -6.04
CA LEU A 178 -4.76 12.03 -5.66
C LEU A 178 -4.97 13.34 -4.92
N ASP A 179 -5.77 14.24 -5.50
CA ASP A 179 -5.91 15.63 -4.97
C ASP A 179 -7.06 15.87 -3.97
N LEU A 180 -7.48 14.81 -3.28
CA LEU A 180 -8.54 14.90 -2.28
C LEU A 180 -7.89 15.24 -0.92
N PRO A 181 -8.66 15.89 -0.04
CA PRO A 181 -7.99 16.47 1.09
C PRO A 181 -7.27 15.41 1.94
N LEU A 182 -6.13 15.73 2.55
CA LEU A 182 -5.56 14.82 3.55
C LEU A 182 -6.52 14.77 4.69
N ALA A 183 -6.67 13.58 5.32
CA ALA A 183 -7.54 13.36 6.50
C ALA A 183 -7.06 14.12 7.72
N GLU A 184 -7.92 14.28 8.72
CA GLU A 184 -7.54 14.85 10.01
C GLU A 184 -6.38 14.07 10.66
N GLY A 185 -5.43 14.81 11.22
CA GLY A 185 -4.21 14.23 11.85
C GLY A 185 -3.02 13.85 10.97
N CYS A 186 -3.17 13.96 9.67
CA CYS A 186 -2.11 13.67 8.74
C CYS A 186 -1.20 14.89 8.65
N PRO A 187 0.14 14.70 8.71
CA PRO A 187 0.94 15.90 8.54
C PRO A 187 0.71 16.56 7.15
N LYS A 188 0.86 17.88 7.05
CA LYS A 188 0.74 18.58 5.79
C LYS A 188 1.97 18.33 4.89
N LEU A 189 1.75 18.36 3.60
CA LEU A 189 2.80 18.32 2.59
C LEU A 189 3.65 19.58 2.62
N GLY A 190 4.89 19.50 2.15
CA GLY A 190 5.89 20.58 2.35
C GLY A 190 7.23 20.14 2.91
N SER A 191 8.08 21.08 3.30
CA SER A 191 9.36 20.78 3.96
C SER A 191 9.71 21.66 5.14
N HIS A 192 10.68 21.18 5.91
CA HIS A 192 11.38 21.96 6.96
C HIS A 192 12.01 23.25 6.36
N HIS A 193 12.01 24.39 7.09
CA HIS A 193 12.73 25.61 6.62
C HIS A 193 14.21 25.27 6.38
N HIS A 194 14.84 25.92 5.41
CA HIS A 194 16.18 25.54 4.92
C HIS A 194 16.60 26.50 3.85
N LEU B 3 -27.98 2.28 -5.95
CA LEU B 3 -26.95 1.86 -4.92
C LEU B 3 -25.64 2.73 -4.91
N PRO B 4 -25.15 3.03 -3.70
CA PRO B 4 -23.85 3.71 -3.65
C PRO B 4 -22.68 2.87 -4.16
N GLU B 5 -21.72 3.55 -4.72
CA GLU B 5 -20.55 2.90 -5.18
C GLU B 5 -19.61 2.75 -3.99
N ILE B 6 -18.70 1.76 -4.08
CA ILE B 6 -17.77 1.51 -3.00
C ILE B 6 -16.64 2.54 -3.15
N VAL B 7 -16.43 3.34 -2.12
CA VAL B 7 -15.47 4.45 -2.11
C VAL B 7 -14.03 3.86 -2.08
N ALA B 8 -13.08 4.50 -2.78
CA ALA B 8 -11.72 3.98 -2.95
C ALA B 8 -10.76 4.75 -2.03
N SER B 9 -9.60 4.16 -1.72
CA SER B 9 -8.64 4.79 -0.83
C SER B 9 -8.35 6.20 -1.35
N GLY B 10 -8.27 7.18 -0.45
CA GLY B 10 -8.05 8.58 -0.88
C GLY B 10 -9.21 9.50 -0.51
N ASP B 11 -10.43 8.93 -0.50
CA ASP B 11 -11.61 9.70 -0.03
C ASP B 11 -11.50 9.85 1.49
N PRO B 12 -11.42 11.09 1.99
CA PRO B 12 -11.23 11.24 3.45
C PRO B 12 -12.22 10.49 4.41
N VAL B 13 -13.45 10.23 3.98
CA VAL B 13 -14.39 9.41 4.79
C VAL B 13 -13.81 8.02 5.14
N LEU B 14 -12.96 7.46 4.29
CA LEU B 14 -12.27 6.22 4.66
C LEU B 14 -11.18 6.35 5.71
N HIS B 15 -10.73 7.58 5.98
CA HIS B 15 -9.47 7.82 6.72
C HIS B 15 -9.73 8.64 7.98
N GLU B 16 -10.99 8.64 8.39
CA GLU B 16 -11.50 9.43 9.49
C GLU B 16 -12.35 8.53 10.38
N LYS B 17 -12.36 8.85 11.67
CA LYS B 17 -13.16 8.13 12.64
C LYS B 17 -14.66 8.37 12.41
N ALA B 18 -15.41 7.28 12.36
CA ALA B 18 -16.85 7.33 12.09
C ALA B 18 -17.57 7.61 13.40
N ARG B 19 -18.78 8.18 13.32
CA ARG B 19 -19.53 8.54 14.55
C ARG B 19 -20.40 7.38 14.99
N GLU B 20 -20.54 7.14 16.29
CA GLU B 20 -21.62 6.27 16.80
C GLU B 20 -23.02 6.76 16.40
N VAL B 21 -23.93 5.80 16.27
CA VAL B 21 -25.31 6.05 15.89
C VAL B 21 -26.03 6.00 17.23
N ASP B 22 -26.93 6.94 17.47
CA ASP B 22 -27.81 6.85 18.63
C ASP B 22 -28.57 5.51 18.57
N PRO B 23 -28.41 4.65 19.59
CA PRO B 23 -29.08 3.35 19.66
C PRO B 23 -30.61 3.46 19.49
N GLY B 24 -31.17 4.60 19.93
CA GLY B 24 -32.61 4.83 19.81
C GLY B 24 -33.05 5.18 18.42
N GLU B 25 -32.09 5.43 17.51
CA GLU B 25 -32.39 5.77 16.10
C GLU B 25 -32.12 4.60 15.12
N ILE B 26 -31.59 3.50 15.65
CA ILE B 26 -31.14 2.38 14.83
C ILE B 26 -32.30 1.79 14.00
N GLY B 27 -33.50 1.86 14.57
CA GLY B 27 -34.69 1.32 13.96
C GLY B 27 -35.39 2.33 13.06
N SER B 28 -34.80 3.51 12.88
CA SER B 28 -35.42 4.52 12.01
C SER B 28 -35.22 4.22 10.52
N GLU B 29 -36.00 4.93 9.68
CA GLU B 29 -35.88 4.81 8.22
C GLU B 29 -34.49 5.07 7.67
N ARG B 30 -33.87 6.20 8.09
CA ARG B 30 -32.57 6.60 7.60
C ARG B 30 -31.57 5.51 7.95
N ILE B 31 -31.53 5.04 9.19
CA ILE B 31 -30.51 4.05 9.54
C ILE B 31 -30.77 2.72 8.81
N GLN B 32 -32.01 2.24 8.86
CA GLN B 32 -32.43 1.01 8.19
C GLN B 32 -32.13 0.98 6.67
N LYS B 33 -32.34 2.10 5.94
CA LYS B 33 -31.89 2.20 4.56
C LYS B 33 -30.36 2.07 4.39
N ILE B 34 -29.59 2.63 5.32
CA ILE B 34 -28.13 2.60 5.18
C ILE B 34 -27.70 1.16 5.31
N ILE B 35 -28.29 0.47 6.29
CA ILE B 35 -27.99 -0.96 6.58
C ILE B 35 -28.35 -1.85 5.39
N ASP B 36 -29.50 -1.57 4.77
CA ASP B 36 -29.99 -2.30 3.60
C ASP B 36 -29.11 -2.02 2.40
N ASP B 37 -28.74 -0.77 2.19
CA ASP B 37 -27.76 -0.46 1.17
C ASP B 37 -26.43 -1.22 1.34
N MET B 38 -25.97 -1.32 2.59
CA MET B 38 -24.69 -1.95 2.85
C MET B 38 -24.77 -3.39 2.45
N ILE B 39 -25.88 -4.06 2.77
CA ILE B 39 -26.06 -5.49 2.47
C ILE B 39 -26.15 -5.72 0.96
N LYS B 40 -26.90 -4.90 0.25
CA LYS B 40 -26.96 -5.01 -1.21
C LYS B 40 -25.59 -4.82 -1.85
N VAL B 41 -24.83 -3.83 -1.39
CA VAL B 41 -23.50 -3.55 -1.93
C VAL B 41 -22.49 -4.65 -1.61
N MET B 42 -22.49 -5.10 -0.37
CA MET B 42 -21.64 -6.23 -0.07
C MET B 42 -21.93 -7.42 -1.02
N ARG B 43 -23.21 -7.72 -1.22
CA ARG B 43 -23.61 -8.87 -2.03
C ARG B 43 -23.37 -8.73 -3.53
N LEU B 44 -23.39 -7.51 -4.00
CA LEU B 44 -23.19 -7.24 -5.38
C LEU B 44 -21.69 -7.30 -5.72
N ALA B 45 -20.80 -7.08 -4.73
CA ALA B 45 -19.36 -6.97 -5.09
C ALA B 45 -18.80 -8.25 -5.74
N PRO B 46 -18.95 -9.46 -5.11
CA PRO B 46 -19.31 -9.76 -3.73
C PRO B 46 -18.09 -9.66 -2.79
N CYS B 47 -18.37 -9.46 -1.50
CA CYS B 47 -17.36 -9.56 -0.44
C CYS B 47 -17.97 -10.10 0.88
N VAL B 48 -17.12 -10.32 1.87
CA VAL B 48 -17.56 -10.96 3.06
C VAL B 48 -17.84 -9.96 4.18
N GLY B 49 -17.66 -8.69 3.88
CA GLY B 49 -17.85 -7.63 4.89
C GLY B 49 -17.86 -6.25 4.33
N LEU B 50 -18.50 -5.33 5.03
CA LEU B 50 -18.49 -3.92 4.65
C LEU B 50 -18.70 -3.00 5.85
N ALA B 51 -17.96 -1.91 5.84
CA ALA B 51 -18.15 -0.83 6.79
C ALA B 51 -18.83 0.35 6.16
N ALA B 52 -19.59 1.10 6.94
CA ALA B 52 -20.38 2.21 6.38
C ALA B 52 -19.60 3.32 5.63
N PRO B 53 -18.40 3.72 6.13
CA PRO B 53 -17.56 4.67 5.39
C PRO B 53 -17.25 4.32 3.92
N GLN B 54 -17.31 3.03 3.59
CA GLN B 54 -17.04 2.49 2.25
C GLN B 54 -18.13 2.79 1.29
N ILE B 55 -19.29 3.24 1.79
CA ILE B 55 -20.39 3.75 0.96
C ILE B 55 -20.63 5.27 1.21
N GLY B 56 -19.67 5.90 1.86
CA GLY B 56 -19.72 7.35 2.05
C GLY B 56 -20.43 7.80 3.32
N VAL B 57 -20.56 6.90 4.31
CA VAL B 57 -21.39 7.18 5.51
C VAL B 57 -20.53 7.21 6.80
N PRO B 58 -20.40 8.39 7.40
CA PRO B 58 -19.43 8.48 8.48
C PRO B 58 -20.02 7.94 9.78
N LEU B 59 -20.54 6.70 9.78
CA LEU B 59 -21.18 6.15 11.00
C LEU B 59 -20.69 4.77 11.37
N ARG B 60 -20.83 4.39 12.64
CA ARG B 60 -20.28 3.11 13.13
C ARG B 60 -21.19 1.93 12.91
N ILE B 61 -21.24 1.46 11.66
CA ILE B 61 -22.06 0.30 11.26
C ILE B 61 -21.22 -0.64 10.37
N ILE B 62 -21.15 -1.91 10.74
CA ILE B 62 -20.56 -2.94 9.84
C ILE B 62 -21.59 -4.02 9.45
N VAL B 63 -21.48 -4.58 8.23
CA VAL B 63 -22.23 -5.84 7.90
C VAL B 63 -21.26 -6.93 7.45
N LEU B 64 -21.60 -8.21 7.64
CA LEU B 64 -20.66 -9.28 7.24
C LEU B 64 -21.34 -10.66 7.14
N GLU B 65 -20.95 -11.45 6.14
CA GLU B 65 -21.40 -12.84 6.01
C GLU B 65 -20.36 -13.66 5.24
N ASP B 66 -20.29 -14.97 5.45
CA ASP B 66 -19.47 -15.89 4.62
C ASP B 66 -20.37 -17.13 4.38
N THR B 67 -20.54 -17.52 3.10
CA THR B 67 -21.54 -18.49 2.62
C THR B 67 -20.86 -19.73 2.04
N LYS B 68 -21.59 -20.84 1.87
CA LYS B 68 -21.01 -22.10 1.29
C LYS B 68 -20.48 -21.78 -0.11
N GLU B 69 -21.19 -20.87 -0.80
CA GLU B 69 -20.81 -20.52 -2.13
C GLU B 69 -19.46 -19.81 -2.22
N TYR B 70 -19.30 -18.72 -1.44
CA TYR B 70 -18.03 -17.99 -1.41
C TYR B 70 -16.89 -18.92 -1.11
N ILE B 71 -17.15 -19.85 -0.20
CA ILE B 71 -16.12 -20.79 0.33
C ILE B 71 -15.73 -21.85 -0.70
N SER B 72 -16.68 -22.15 -1.62
CA SER B 72 -16.50 -23.14 -2.69
C SER B 72 -15.50 -22.65 -3.75
N TYR B 73 -15.19 -21.34 -3.79
CA TYR B 73 -14.14 -20.80 -4.70
C TYR B 73 -12.70 -21.06 -4.29
N ALA B 74 -12.49 -21.69 -3.14
CA ALA B 74 -11.16 -21.79 -2.54
C ALA B 74 -10.95 -23.26 -2.26
N PRO B 75 -9.72 -23.77 -2.43
CA PRO B 75 -9.52 -25.21 -2.16
C PRO B 75 -9.66 -25.57 -0.68
N LYS B 76 -10.05 -26.82 -0.43
CA LYS B 76 -10.27 -27.32 0.90
C LYS B 76 -9.06 -27.06 1.87
N GLU B 77 -7.85 -27.22 1.35
CA GLU B 77 -6.60 -26.96 2.11
C GLU B 77 -6.53 -25.50 2.65
N GLU B 78 -6.90 -24.55 1.79
CA GLU B 78 -6.86 -23.13 2.17
C GLU B 78 -7.87 -22.87 3.26
N ILE B 79 -9.08 -23.35 3.03
CA ILE B 79 -10.22 -23.21 3.95
C ILE B 79 -9.88 -23.73 5.36
N LEU B 80 -9.17 -24.85 5.40
CA LEU B 80 -8.78 -25.47 6.64
C LEU B 80 -7.74 -24.64 7.43
N ALA B 81 -6.56 -24.43 6.88
CA ALA B 81 -5.59 -23.49 7.41
C ALA B 81 -6.21 -22.15 7.91
N GLN B 82 -7.14 -21.56 7.12
CA GLN B 82 -7.75 -20.27 7.48
C GLN B 82 -8.86 -20.34 8.52
N GLU B 83 -9.19 -21.56 9.00
CA GLU B 83 -10.45 -21.81 9.76
C GLU B 83 -11.59 -20.98 9.24
N ARG B 84 -11.88 -21.19 7.98
CA ARG B 84 -12.88 -20.40 7.32
C ARG B 84 -14.18 -21.18 7.19
N ARG B 85 -15.24 -20.62 7.78
CA ARG B 85 -16.52 -21.32 7.92
C ARG B 85 -17.67 -20.39 7.63
N HIS B 86 -18.74 -20.91 7.04
CA HIS B 86 -19.93 -20.14 6.77
C HIS B 86 -20.52 -19.50 8.05
N PHE B 87 -21.11 -18.31 7.92
CA PHE B 87 -21.83 -17.72 9.06
C PHE B 87 -22.89 -16.76 8.54
N ASP B 88 -24.02 -16.73 9.21
CA ASP B 88 -25.16 -15.91 8.83
C ASP B 88 -24.87 -14.41 8.79
N LEU B 89 -25.59 -13.70 7.91
CA LEU B 89 -25.60 -12.26 7.88
C LEU B 89 -25.66 -11.69 9.26
N MET B 90 -24.60 -10.95 9.60
CA MET B 90 -24.48 -10.14 10.83
C MET B 90 -24.44 -8.65 10.52
N VAL B 91 -25.11 -7.84 11.36
CA VAL B 91 -25.16 -6.38 11.26
C VAL B 91 -24.83 -5.89 12.67
N MET B 92 -23.74 -5.15 12.83
CA MET B 92 -23.38 -4.58 14.15
C MET B 92 -23.27 -3.05 14.11
N VAL B 93 -23.98 -2.36 15.01
CA VAL B 93 -24.04 -0.90 15.09
C VAL B 93 -23.28 -0.59 16.36
N ASN B 94 -22.40 0.42 16.29
CA ASN B 94 -21.50 0.76 17.40
C ASN B 94 -20.74 -0.42 18.00
N PRO B 95 -20.14 -1.26 17.13
CA PRO B 95 -19.41 -2.44 17.61
C PRO B 95 -18.12 -2.07 18.37
N VAL B 96 -17.80 -2.84 19.41
CA VAL B 96 -16.56 -2.65 20.15
C VAL B 96 -15.88 -4.01 20.22
N LEU B 97 -14.75 -4.14 19.57
CA LEU B 97 -14.04 -5.35 19.53
C LEU B 97 -12.91 -5.36 20.56
N LYS B 98 -12.74 -6.53 21.19
CA LYS B 98 -11.61 -6.88 22.07
C LYS B 98 -11.23 -8.35 21.77
N GLU B 99 -9.95 -8.68 21.93
CA GLU B 99 -9.47 -10.05 21.77
C GLU B 99 -9.77 -10.95 22.98
N ARG B 100 -9.99 -12.24 22.70
CA ARG B 100 -10.30 -13.23 23.73
C ARG B 100 -8.99 -13.85 24.28
N SER B 101 -7.94 -13.92 23.45
CA SER B 101 -6.56 -14.24 23.85
C SER B 101 -5.50 -13.55 22.97
N ASN B 102 -4.25 -13.90 23.20
CA ASN B 102 -3.14 -13.31 22.47
C ASN B 102 -2.73 -14.09 21.22
N LYS B 103 -3.61 -14.95 20.72
CA LYS B 103 -3.31 -15.81 19.58
C LYS B 103 -3.59 -15.06 18.27
N LYS B 104 -2.63 -15.08 17.35
CA LYS B 104 -2.77 -14.38 16.06
C LYS B 104 -2.48 -15.37 14.95
N ALA B 105 -2.96 -15.04 13.75
CA ALA B 105 -2.62 -15.77 12.54
C ALA B 105 -2.26 -14.71 11.54
N LEU B 106 -1.52 -15.11 10.50
CA LEU B 106 -1.01 -14.24 9.44
C LEU B 106 -1.48 -14.78 8.09
N PHE B 107 -2.37 -14.07 7.39
CA PHE B 107 -2.88 -14.51 6.09
C PHE B 107 -3.06 -13.33 5.19
N PHE B 108 -3.23 -13.61 3.89
CA PHE B 108 -3.38 -12.53 2.89
C PHE B 108 -4.81 -12.00 2.95
N GLU B 109 -4.92 -10.69 2.93
CA GLU B 109 -6.17 -9.90 2.90
C GLU B 109 -6.21 -8.91 1.73
N GLY B 110 -7.42 -8.68 1.21
CA GLY B 110 -7.72 -7.64 0.25
C GLY B 110 -8.85 -6.76 0.79
N CYS B 111 -8.96 -5.54 0.30
CA CYS B 111 -10.01 -4.56 0.72
C CYS B 111 -10.69 -4.08 -0.52
N GLU B 112 -12.02 -4.02 -0.58
CA GLU B 112 -12.65 -3.42 -1.74
C GLU B 112 -12.30 -1.94 -1.95
N SER B 113 -11.69 -1.27 -0.97
CA SER B 113 -11.29 0.14 -1.18
C SER B 113 -9.85 0.29 -1.74
N VAL B 114 -9.16 -0.84 -1.88
CA VAL B 114 -7.80 -0.96 -2.43
C VAL B 114 -7.81 -2.06 -3.51
N ASP B 115 -8.31 -1.75 -4.68
CA ASP B 115 -8.50 -2.76 -5.69
C ASP B 115 -7.19 -3.29 -6.35
N GLY B 116 -7.09 -4.61 -6.50
CA GLY B 116 -6.00 -5.33 -7.26
C GLY B 116 -4.73 -5.72 -6.49
N PHE B 117 -4.80 -5.57 -5.17
CA PHE B 117 -3.64 -5.76 -4.33
C PHE B 117 -4.09 -6.57 -3.07
N ARG B 118 -3.08 -7.17 -2.41
CA ARG B 118 -3.24 -7.94 -1.19
C ARG B 118 -1.97 -7.76 -0.41
N ALA B 119 -2.00 -8.04 0.89
CA ALA B 119 -0.80 -8.10 1.70
C ALA B 119 -1.11 -9.10 2.83
N ALA B 120 -0.10 -9.54 3.56
CA ALA B 120 -0.28 -10.43 4.66
C ALA B 120 -0.53 -9.55 5.87
N VAL B 121 -1.56 -9.89 6.64
CA VAL B 121 -1.94 -9.12 7.80
C VAL B 121 -2.10 -10.01 9.06
N GLU B 122 -1.47 -9.64 10.16
CA GLU B 122 -1.64 -10.37 11.40
C GLU B 122 -2.86 -9.92 12.17
N ARG B 123 -3.68 -10.89 12.58
CA ARG B 123 -4.96 -10.60 13.25
C ARG B 123 -5.07 -11.53 14.42
N TYR B 124 -5.84 -11.12 15.44
CA TYR B 124 -6.20 -12.04 16.50
C TYR B 124 -7.12 -13.10 15.95
N LEU B 125 -6.85 -14.34 16.33
CA LEU B 125 -7.78 -15.49 16.09
C LEU B 125 -9.14 -15.48 16.79
N GLU B 126 -9.21 -14.93 18.00
CA GLU B 126 -10.35 -15.07 18.88
C GLU B 126 -10.77 -13.68 19.29
N VAL B 127 -12.01 -13.32 18.96
CA VAL B 127 -12.53 -11.99 19.34
C VAL B 127 -13.90 -12.04 20.04
N VAL B 128 -14.24 -10.98 20.76
CA VAL B 128 -15.62 -10.73 21.19
C VAL B 128 -15.98 -9.32 20.72
N VAL B 129 -17.18 -9.12 20.23
CA VAL B 129 -17.57 -7.82 19.80
C VAL B 129 -18.96 -7.54 20.37
N THR B 130 -19.08 -6.46 21.13
CA THR B 130 -20.36 -6.02 21.69
C THR B 130 -20.91 -4.87 20.82
N GLY B 131 -22.23 -4.67 20.83
CA GLY B 131 -22.86 -3.69 19.95
C GLY B 131 -24.36 -3.88 19.91
N TYR B 132 -25.00 -3.35 18.88
CA TYR B 132 -26.42 -3.47 18.72
C TYR B 132 -26.67 -4.15 17.41
N ASP B 133 -27.79 -4.87 17.32
CA ASP B 133 -28.14 -5.46 16.05
C ASP B 133 -29.03 -4.48 15.23
N ARG B 134 -29.55 -5.01 14.13
CA ARG B 134 -30.29 -4.27 13.11
C ARG B 134 -31.59 -3.68 13.65
N GLN B 135 -32.07 -4.22 14.75
CA GLN B 135 -33.32 -3.75 15.30
C GLN B 135 -33.11 -3.00 16.61
N GLY B 136 -31.84 -2.72 16.93
CA GLY B 136 -31.48 -1.95 18.11
C GLY B 136 -31.30 -2.70 19.41
N LYS B 137 -31.24 -4.03 19.30
CA LYS B 137 -31.13 -4.89 20.46
C LYS B 137 -29.64 -5.09 20.74
N ARG B 138 -29.22 -4.95 22.00
CA ARG B 138 -27.82 -5.14 22.39
C ARG B 138 -27.45 -6.61 22.12
N ILE B 139 -26.28 -6.87 21.48
CA ILE B 139 -25.79 -8.25 21.19
C ILE B 139 -24.30 -8.34 21.52
N GLU B 140 -23.86 -9.54 21.93
CA GLU B 140 -22.42 -9.86 22.01
C GLU B 140 -22.05 -11.02 21.05
N VAL B 141 -20.97 -10.84 20.30
CA VAL B 141 -20.59 -11.81 19.27
C VAL B 141 -19.17 -12.28 19.58
N ASN B 142 -19.01 -13.60 19.69
CA ASN B 142 -17.72 -14.24 19.86
C ASN B 142 -17.44 -14.96 18.55
N ALA B 143 -16.23 -14.83 18.05
CA ALA B 143 -15.88 -15.48 16.80
C ALA B 143 -14.46 -15.97 16.86
N SER B 144 -14.15 -17.00 16.08
CA SER B 144 -12.76 -17.45 15.86
C SER B 144 -12.51 -17.66 14.37
N GLY B 145 -11.24 -17.74 14.02
CA GLY B 145 -10.84 -18.05 12.67
C GLY B 145 -11.15 -16.87 11.77
N TRP B 146 -11.73 -17.19 10.62
CA TRP B 146 -11.80 -16.21 9.57
C TRP B 146 -12.81 -15.12 9.84
N GLN B 147 -13.94 -15.47 10.48
CA GLN B 147 -14.97 -14.56 10.93
C GLN B 147 -14.38 -13.49 11.88
N ALA B 148 -13.54 -13.91 12.82
CA ALA B 148 -12.79 -12.99 13.67
C ALA B 148 -12.01 -11.93 12.86
N ARG B 149 -11.25 -12.43 11.89
CA ARG B 149 -10.48 -11.58 10.96
C ARG B 149 -11.34 -10.55 10.26
N ILE B 150 -12.43 -11.01 9.66
CA ILE B 150 -13.38 -10.10 8.97
C ILE B 150 -13.84 -8.99 9.93
N LEU B 151 -14.19 -9.39 11.16
CA LEU B 151 -14.64 -8.45 12.19
C LEU B 151 -13.60 -7.36 12.51
N GLN B 152 -12.33 -7.72 12.55
CA GLN B 152 -11.29 -6.73 12.81
C GLN B 152 -11.06 -5.83 11.60
N HIS B 153 -11.07 -6.44 10.43
CA HIS B 153 -11.02 -5.71 9.19
C HIS B 153 -12.06 -4.61 9.19
N GLU B 154 -13.31 -4.99 9.42
CA GLU B 154 -14.44 -4.05 9.30
C GLU B 154 -14.45 -3.06 10.46
N CYS B 155 -14.17 -3.48 11.70
CA CYS B 155 -14.10 -2.54 12.84
C CYS B 155 -12.97 -1.53 12.61
N ASP B 156 -11.83 -1.99 12.07
CA ASP B 156 -10.73 -1.07 11.61
C ASP B 156 -11.18 0.13 10.78
N HIS B 157 -11.97 -0.13 9.74
CA HIS B 157 -12.53 0.85 8.83
C HIS B 157 -13.25 1.92 9.61
N LEU B 158 -13.73 1.60 10.81
CA LEU B 158 -14.57 2.58 11.50
C LEU B 158 -13.73 3.58 12.22
N ASP B 159 -12.47 3.20 12.44
CA ASP B 159 -11.47 4.10 13.06
C ASP B 159 -10.59 4.74 11.96
N GLY B 160 -11.08 4.72 10.72
CA GLY B 160 -10.29 5.26 9.60
C GLY B 160 -9.03 4.53 9.24
N ASN B 161 -8.95 3.24 9.60
CA ASN B 161 -7.76 2.43 9.41
C ASN B 161 -7.95 1.40 8.26
N LEU B 162 -7.07 1.41 7.24
CA LEU B 162 -7.01 0.33 6.25
C LEU B 162 -5.85 -0.65 6.49
N TYR B 163 -5.89 -1.79 5.82
CA TYR B 163 -4.91 -2.83 6.16
C TYR B 163 -3.55 -2.44 5.66
N VAL B 164 -3.44 -1.59 4.64
CA VAL B 164 -2.09 -1.21 4.14
C VAL B 164 -1.18 -0.59 5.23
N ASP B 165 -1.79 -0.04 6.28
CA ASP B 165 -1.01 0.67 7.30
C ASP B 165 -0.69 -0.16 8.53
N LYS B 166 -0.98 -1.46 8.43
CA LYS B 166 -0.64 -2.47 9.45
C LYS B 166 -0.30 -3.84 8.84
N MET B 167 0.10 -3.87 7.57
CA MET B 167 0.51 -5.11 6.91
C MET B 167 1.94 -5.48 7.20
N VAL B 168 2.25 -6.75 7.10
CA VAL B 168 3.65 -7.21 7.25
C VAL B 168 4.50 -6.58 6.11
N PRO B 169 5.66 -6.01 6.46
CA PRO B 169 6.49 -5.38 5.40
C PRO B 169 6.96 -6.39 4.31
N ARG B 170 7.08 -5.97 3.05
CA ARG B 170 7.55 -6.86 1.98
C ARG B 170 6.52 -7.88 1.49
N THR B 171 5.30 -7.88 2.01
CA THR B 171 4.33 -8.89 1.55
C THR B 171 3.27 -8.29 0.59
N PHE B 172 3.23 -6.97 0.47
CA PHE B 172 2.21 -6.32 -0.35
C PHE B 172 2.36 -6.74 -1.82
N ARG B 173 1.28 -6.91 -2.58
CA ARG B 173 1.41 -7.52 -3.92
C ARG B 173 0.16 -7.42 -4.76
N THR B 174 0.34 -7.53 -6.08
CA THR B 174 -0.79 -7.60 -6.97
C THR B 174 -1.53 -8.92 -6.70
N VAL B 175 -2.81 -8.97 -7.06
CA VAL B 175 -3.57 -10.23 -7.02
C VAL B 175 -3.01 -11.27 -7.98
N ASP B 176 -2.46 -10.85 -9.09
CA ASP B 176 -1.87 -11.81 -9.99
C ASP B 176 -0.62 -12.42 -9.38
N ASN B 177 0.00 -11.73 -8.43
CA ASN B 177 1.23 -12.23 -7.78
C ASN B 177 1.00 -12.90 -6.45
N LEU B 178 -0.27 -13.20 -6.16
CA LEU B 178 -0.69 -13.73 -4.87
C LEU B 178 0.04 -14.95 -4.43
N ASP B 179 0.26 -15.87 -5.37
CA ASP B 179 0.82 -17.16 -5.06
C ASP B 179 2.35 -17.17 -5.07
N LEU B 180 3.02 -16.07 -5.35
CA LEU B 180 4.50 -16.05 -5.38
C LEU B 180 5.06 -16.25 -3.97
N PRO B 181 6.31 -16.77 -3.82
CA PRO B 181 6.77 -16.96 -2.44
C PRO B 181 6.84 -15.67 -1.64
N LEU B 182 6.82 -15.80 -0.32
CA LEU B 182 7.21 -14.74 0.63
C LEU B 182 8.72 -14.52 0.55
N ALA B 183 9.17 -13.27 0.66
CA ALA B 183 10.60 -12.92 0.55
C ALA B 183 11.41 -13.38 1.78
N GLU B 184 12.75 -13.47 1.66
CA GLU B 184 13.60 -13.77 2.82
C GLU B 184 13.26 -12.89 3.98
N GLY B 185 13.01 -13.50 5.13
CA GLY B 185 12.73 -12.71 6.31
C GLY B 185 11.27 -12.51 6.67
N CYS B 186 10.35 -12.55 5.70
CA CYS B 186 8.92 -12.51 6.07
C CYS B 186 8.56 -13.71 6.96
N PRO B 187 7.77 -13.49 8.02
CA PRO B 187 7.27 -14.60 8.84
C PRO B 187 6.34 -15.55 8.02
N LYS B 188 6.26 -16.83 8.36
CA LYS B 188 5.48 -17.74 7.52
C LYS B 188 3.96 -17.43 7.68
N LEU B 189 3.15 -17.77 6.69
CA LEU B 189 1.70 -17.69 6.84
C LEU B 189 1.13 -18.72 7.80
N GLY B 190 -0.03 -18.44 8.38
CA GLY B 190 -0.74 -19.43 9.20
C GLY B 190 -0.62 -19.19 10.70
N SER B 191 -0.80 -20.23 11.52
CA SER B 191 -0.84 -20.03 13.00
C SER B 191 0.24 -20.81 13.72
#